data_1YOZ
#
_entry.id   1YOZ
#
_cell.length_a   72.492
_cell.length_b   72.492
_cell.length_c   165.271
_cell.angle_alpha   90.00
_cell.angle_beta   90.00
_cell.angle_gamma   120.00
#
_symmetry.space_group_name_H-M   'P 61 2 2'
#
loop_
_entity.id
_entity.type
_entity.pdbx_description
1 polymer 'Hypothetical protein AF0941'
2 water water
#
_entity_poly.entity_id   1
_entity_poly.type   'polypeptide(L)'
_entity_poly.pdbx_seq_one_letter_code
;GHMLYINSFLDRMGEIIRGEKSVEEADKLLDQKNIFEMFRSDCEEILNLYKSGKAEKEEVQRNFYLLKTYVVSQLSIHFE
RLKEFAESKGFKIEKKLDPEVINEIALYIDRVEKEV
;
_entity_poly.pdbx_strand_id   A,B
#
# COMPACT_ATOMS: atom_id res chain seq x y z
N GLY A 1 -11.15 5.89 -7.58
CA GLY A 1 -11.11 4.49 -7.10
C GLY A 1 -10.46 4.47 -5.73
N HIS A 2 -10.66 3.39 -4.99
CA HIS A 2 -10.31 3.39 -3.61
C HIS A 2 -10.25 2.05 -2.88
N MET A 3 -10.37 0.92 -3.57
CA MET A 3 -10.36 -0.37 -2.87
C MET A 3 -9.36 -1.34 -3.43
N LEU A 4 -9.19 -1.37 -4.76
CA LEU A 4 -8.41 -2.39 -5.41
C LEU A 4 -6.89 -2.23 -5.28
N TYR A 5 -6.23 -3.27 -4.78
CA TYR A 5 -4.73 -3.32 -4.67
C TYR A 5 -4.16 -4.72 -4.64
N ILE A 6 -3.98 -5.31 -5.84
CA ILE A 6 -3.26 -6.56 -5.94
C ILE A 6 -1.80 -6.20 -5.82
N ASN A 7 -1.07 -6.97 -5.01
CA ASN A 7 0.39 -6.92 -4.91
C ASN A 7 0.83 -8.24 -4.24
N SER A 8 1.30 -9.19 -5.09
CA SER A 8 1.65 -10.59 -4.71
C SER A 8 2.91 -10.60 -3.93
N PHE A 9 3.88 -9.80 -4.36
CA PHE A 9 5.11 -9.73 -3.59
C PHE A 9 4.94 -9.29 -2.12
N LEU A 10 4.28 -8.16 -1.93
CA LEU A 10 3.95 -7.60 -0.63
C LEU A 10 3.19 -8.63 0.27
N ASP A 11 2.11 -9.22 -0.25
CA ASP A 11 1.36 -10.21 0.53
C ASP A 11 2.20 -11.44 0.92
N ARG A 12 3.02 -11.93 0.00
CA ARG A 12 3.93 -13.05 0.29
C ARG A 12 5.00 -12.72 1.29
N MET A 13 5.51 -11.49 1.24
CA MET A 13 6.45 -11.04 2.28
C MET A 13 5.78 -11.04 3.64
N GLY A 14 4.56 -10.50 3.69
CA GLY A 14 3.75 -10.44 4.93
C GLY A 14 3.44 -11.83 5.52
N GLU A 15 3.15 -12.80 4.66
CA GLU A 15 2.94 -14.21 5.09
C GLU A 15 4.18 -14.76 5.85
N ILE A 16 5.36 -14.46 5.33
CA ILE A 16 6.62 -14.99 5.88
C ILE A 16 6.93 -14.27 7.17
N ILE A 17 6.79 -12.94 7.17
CA ILE A 17 7.09 -12.14 8.36
C ILE A 17 6.12 -12.42 9.54
N ARG A 18 4.86 -12.68 9.23
CA ARG A 18 3.87 -13.07 10.25
C ARG A 18 4.07 -14.53 10.74
N GLY A 19 5.02 -15.25 10.14
CA GLY A 19 5.27 -16.63 10.54
C GLY A 19 4.16 -17.56 10.12
N GLU A 20 3.42 -17.15 9.07
CA GLU A 20 2.37 -18.02 8.49
C GLU A 20 2.92 -18.95 7.43
N LYS A 21 4.08 -18.65 6.89
CA LYS A 21 4.75 -19.53 5.92
C LYS A 21 6.20 -19.62 6.28
N SER A 22 6.84 -20.73 5.94
CA SER A 22 8.21 -21.02 6.29
C SER A 22 9.17 -19.93 5.79
N VAL A 23 10.14 -19.56 6.61
CA VAL A 23 11.22 -18.65 6.20
C VAL A 23 12.05 -19.19 5.00
N GLU A 24 11.94 -20.49 4.73
CA GLU A 24 12.57 -21.12 3.59
C GLU A 24 12.07 -20.52 2.28
N GLU A 25 10.81 -20.10 2.30
CA GLU A 25 10.17 -19.50 1.14
C GLU A 25 10.82 -18.18 0.72
N ALA A 26 11.57 -17.54 1.61
CA ALA A 26 12.22 -16.25 1.31
C ALA A 26 13.17 -16.37 0.13
N ASP A 27 13.69 -17.59 -0.08
CA ASP A 27 14.71 -17.84 -1.07
C ASP A 27 14.19 -17.65 -2.50
N LYS A 28 13.06 -18.30 -2.84
CA LYS A 28 12.44 -18.10 -4.14
C LYS A 28 11.90 -16.68 -4.27
N LEU A 29 11.36 -16.15 -3.18
CA LEU A 29 10.87 -14.77 -3.17
C LEU A 29 11.98 -13.77 -3.40
N LEU A 30 13.17 -14.00 -2.86
CA LEU A 30 14.19 -12.96 -2.96
C LEU A 30 15.00 -13.03 -4.25
N ASP A 31 14.45 -13.78 -5.21
CA ASP A 31 15.01 -13.97 -6.52
C ASP A 31 14.46 -12.92 -7.50
N GLN A 32 15.29 -12.02 -7.99
CA GLN A 32 14.77 -10.89 -8.80
C GLN A 32 13.98 -11.26 -10.07
N LYS A 33 14.30 -12.41 -10.67
CA LYS A 33 13.59 -12.93 -11.80
C LYS A 33 12.20 -13.34 -11.40
N ASN A 34 12.05 -14.03 -10.27
CA ASN A 34 10.71 -14.36 -9.79
C ASN A 34 9.94 -13.08 -9.41
N ILE A 35 10.63 -12.12 -8.80
CA ILE A 35 9.98 -10.86 -8.41
C ILE A 35 9.42 -10.13 -9.65
N PHE A 36 10.29 -9.94 -10.64
CA PHE A 36 9.86 -9.38 -11.91
C PHE A 36 8.63 -10.14 -12.46
N GLU A 37 8.68 -11.47 -12.47
CA GLU A 37 7.51 -12.24 -12.91
C GLU A 37 6.24 -12.04 -12.08
N MET A 38 6.39 -11.93 -10.74
CA MET A 38 5.24 -11.74 -9.87
C MET A 38 4.47 -10.50 -10.26
N PHE A 39 5.21 -9.41 -10.45
CA PHE A 39 4.62 -8.13 -10.88
C PHE A 39 4.01 -8.18 -12.26
N ARG A 40 4.62 -8.94 -13.16
CA ARG A 40 4.00 -9.14 -14.49
C ARG A 40 2.64 -9.76 -14.40
N SER A 41 2.55 -10.85 -13.63
CA SER A 41 1.31 -11.54 -13.36
C SER A 41 0.24 -10.63 -12.67
N ASP A 42 0.67 -9.88 -11.66
CA ASP A 42 -0.15 -8.84 -11.06
C ASP A 42 -0.67 -7.91 -12.13
N CYS A 43 0.23 -7.41 -12.99
CA CYS A 43 -0.24 -6.52 -14.08
C CYS A 43 -1.28 -7.19 -14.95
N GLU A 44 -1.03 -8.46 -15.30
CA GLU A 44 -1.91 -9.19 -16.21
C GLU A 44 -3.25 -9.40 -15.55
N GLU A 45 -3.22 -9.72 -14.24
CA GLU A 45 -4.46 -9.95 -13.49
C GLU A 45 -5.29 -8.70 -13.36
N ILE A 46 -4.65 -7.57 -13.06
CA ILE A 46 -5.37 -6.29 -12.88
C ILE A 46 -6.05 -5.88 -14.19
N LEU A 47 -5.25 -6.00 -15.25
CA LEU A 47 -5.73 -5.71 -16.60
C LEU A 47 -6.92 -6.59 -17.01
N ASN A 48 -6.84 -7.89 -16.71
CA ASN A 48 -7.98 -8.81 -16.94
C ASN A 48 -9.23 -8.40 -16.23
N LEU A 49 -9.12 -7.93 -14.97
CA LEU A 49 -10.27 -7.33 -14.24
C LEU A 49 -10.91 -6.16 -14.97
N TYR A 50 -10.09 -5.29 -15.55
CA TYR A 50 -10.58 -4.20 -16.36
C TYR A 50 -11.25 -4.74 -17.65
N LYS A 51 -10.56 -5.61 -18.38
CA LYS A 51 -11.06 -6.13 -19.65
C LYS A 51 -12.42 -6.82 -19.49
N SER A 52 -12.57 -7.59 -18.43
CA SER A 52 -13.79 -8.34 -18.16
C SER A 52 -14.89 -7.53 -17.48
N GLY A 53 -14.62 -6.26 -17.23
CA GLY A 53 -15.55 -5.41 -16.47
C GLY A 53 -15.73 -5.71 -14.98
N LYS A 54 -14.93 -6.62 -14.43
CA LYS A 54 -15.03 -7.03 -13.03
C LYS A 54 -14.59 -5.95 -12.05
N ALA A 55 -13.66 -5.13 -12.47
CA ALA A 55 -13.24 -3.96 -11.72
C ALA A 55 -13.36 -2.78 -12.64
N GLU A 56 -13.93 -1.71 -12.14
CA GLU A 56 -13.97 -0.49 -12.92
C GLU A 56 -12.61 0.11 -13.20
N LYS A 57 -12.53 0.84 -14.31
CA LYS A 57 -11.31 1.45 -14.76
C LYS A 57 -10.62 2.25 -13.68
N GLU A 58 -11.37 3.03 -12.90
CA GLU A 58 -10.77 3.85 -11.85
C GLU A 58 -10.11 3.05 -10.71
N GLU A 59 -10.63 1.86 -10.42
CA GLU A 59 -10.05 0.99 -9.40
C GLU A 59 -8.79 0.35 -9.98
N VAL A 60 -8.84 -0.02 -11.25
CA VAL A 60 -7.63 -0.58 -11.85
C VAL A 60 -6.56 0.50 -12.01
N GLN A 61 -6.95 1.75 -12.28
CA GLN A 61 -5.93 2.81 -12.37
C GLN A 61 -5.27 3.05 -11.02
N ARG A 62 -6.08 2.97 -9.96
CA ARG A 62 -5.56 3.19 -8.61
C ARG A 62 -4.56 2.09 -8.30
N ASN A 63 -4.91 0.86 -8.67
CA ASN A 63 -4.05 -0.26 -8.38
C ASN A 63 -2.72 -0.12 -9.13
N PHE A 64 -2.77 0.37 -10.37
CA PHE A 64 -1.50 0.53 -11.09
C PHE A 64 -0.63 1.61 -10.49
N TYR A 65 -1.24 2.73 -10.10
CA TYR A 65 -0.54 3.83 -9.45
C TYR A 65 0.07 3.34 -8.14
N LEU A 66 -0.68 2.57 -7.36
CA LEU A 66 -0.10 2.06 -6.12
C LEU A 66 1.00 1.08 -6.38
N LEU A 67 0.82 0.20 -7.37
CA LEU A 67 1.81 -0.85 -7.68
C LEU A 67 3.11 -0.19 -8.16
N LYS A 68 3.01 0.74 -9.10
CA LYS A 68 4.21 1.51 -9.51
C LYS A 68 4.89 2.26 -8.38
N THR A 69 4.13 2.96 -7.56
CA THR A 69 4.70 3.64 -6.43
C THR A 69 5.33 2.67 -5.40
N TYR A 70 4.68 1.51 -5.18
CA TYR A 70 5.33 0.46 -4.35
C TYR A 70 6.72 0.03 -4.92
N VAL A 71 6.78 -0.28 -6.22
CA VAL A 71 8.05 -0.74 -6.81
C VAL A 71 9.15 0.31 -6.67
N VAL A 72 8.81 1.56 -7.04
CA VAL A 72 9.74 2.69 -7.02
C VAL A 72 10.12 3.08 -5.62
N SER A 73 9.14 3.17 -4.72
CA SER A 73 9.40 3.68 -3.39
C SER A 73 9.68 2.66 -2.26
N GLN A 74 9.21 1.42 -2.38
CA GLN A 74 9.29 0.49 -1.23
C GLN A 74 9.95 -0.85 -1.53
N LEU A 75 9.95 -1.27 -2.78
CA LEU A 75 10.40 -2.61 -3.08
C LEU A 75 11.83 -2.87 -2.65
N SER A 76 12.73 -1.93 -2.93
CA SER A 76 14.15 -2.09 -2.53
C SER A 76 14.31 -2.20 -1.03
N ILE A 77 13.51 -1.46 -0.28
CA ILE A 77 13.62 -1.50 1.17
C ILE A 77 13.05 -2.82 1.66
N HIS A 78 11.90 -3.21 1.13
CA HIS A 78 11.28 -4.46 1.54
C HIS A 78 12.15 -5.65 1.24
N PHE A 79 12.73 -5.73 0.05
CA PHE A 79 13.65 -6.82 -0.29
C PHE A 79 14.76 -6.99 0.77
N GLU A 80 15.36 -5.85 1.16
CA GLU A 80 16.47 -5.86 2.11
C GLU A 80 15.98 -6.29 3.50
N ARG A 81 14.84 -5.73 3.93
CA ARG A 81 14.16 -6.14 5.17
C ARG A 81 13.94 -7.62 5.21
N LEU A 82 13.35 -8.19 4.16
CA LEU A 82 13.11 -9.64 4.10
C LEU A 82 14.40 -10.44 4.00
N LYS A 83 15.38 -9.92 3.24
CA LYS A 83 16.69 -10.54 3.20
C LYS A 83 17.27 -10.57 4.64
N GLU A 84 17.14 -9.46 5.36
CA GLU A 84 17.70 -9.40 6.72
C GLU A 84 16.95 -10.25 7.73
N PHE A 85 15.60 -10.20 7.66
CA PHE A 85 14.73 -11.11 8.41
C PHE A 85 15.17 -12.55 8.24
N ALA A 86 15.33 -12.98 6.99
CA ALA A 86 15.73 -14.37 6.69
C ALA A 86 17.12 -14.77 7.20
N GLU A 87 18.12 -13.94 6.91
CA GLU A 87 19.53 -14.22 7.24
C GLU A 87 19.75 -14.33 8.74
N SER A 88 19.16 -13.38 9.47
CA SER A 88 19.07 -13.41 10.93
C SER A 88 18.31 -14.64 11.47
N LYS A 89 18.24 -15.69 10.66
CA LYS A 89 17.70 -16.99 11.06
C LYS A 89 18.34 -18.13 10.29
N GLY A 90 19.45 -17.85 9.61
CA GLY A 90 19.92 -18.71 8.52
C GLY A 90 18.91 -18.71 7.38
N GLU A 94 22.40 -13.75 0.58
CA GLU A 94 22.60 -14.55 -0.63
C GLU A 94 22.66 -13.75 -1.98
N LYS A 95 21.52 -13.65 -2.67
CA LYS A 95 21.39 -12.84 -3.89
C LYS A 95 20.81 -11.46 -3.53
N LYS A 96 20.80 -10.51 -4.48
CA LYS A 96 20.11 -9.22 -4.30
C LYS A 96 19.26 -8.82 -5.53
N LEU A 97 18.77 -7.60 -5.46
CA LEU A 97 17.83 -7.08 -6.40
C LEU A 97 18.53 -5.86 -6.98
N ASP A 98 18.82 -5.91 -8.28
CA ASP A 98 19.56 -4.83 -8.91
C ASP A 98 18.63 -3.64 -9.10
N PRO A 99 19.06 -2.43 -8.73
CA PRO A 99 18.22 -1.24 -8.97
C PRO A 99 17.69 -1.19 -10.40
N GLU A 100 18.47 -1.72 -11.34
CA GLU A 100 18.10 -1.71 -12.77
C GLU A 100 16.97 -2.67 -13.12
N VAL A 101 16.87 -3.79 -12.39
CA VAL A 101 15.64 -4.61 -12.45
C VAL A 101 14.40 -3.89 -11.87
N ILE A 102 14.54 -3.20 -10.75
CA ILE A 102 13.44 -2.39 -10.22
C ILE A 102 12.86 -1.38 -11.27
N ASN A 103 13.75 -0.76 -12.01
CA ASN A 103 13.37 0.17 -13.09
C ASN A 103 12.57 -0.51 -14.18
N GLU A 104 13.00 -1.71 -14.51
CA GLU A 104 12.38 -2.48 -15.55
C GLU A 104 10.99 -2.87 -15.14
N ILE A 105 10.81 -3.19 -13.83
CA ILE A 105 9.48 -3.50 -13.34
C ILE A 105 8.59 -2.27 -13.46
N ALA A 106 9.08 -1.13 -13.03
CA ALA A 106 8.34 0.13 -13.18
C ALA A 106 7.98 0.43 -14.64
N LEU A 107 8.95 0.15 -15.55
CA LEU A 107 8.74 0.36 -16.99
C LEU A 107 7.60 -0.48 -17.51
N TYR A 108 7.58 -1.72 -17.08
CA TYR A 108 6.62 -2.71 -17.50
C TYR A 108 5.22 -2.31 -17.07
N ILE A 109 5.08 -1.86 -15.82
CA ILE A 109 3.81 -1.37 -15.29
C ILE A 109 3.31 -0.13 -16.04
N ASP A 110 4.21 0.79 -16.33
CA ASP A 110 3.89 1.93 -17.17
C ASP A 110 3.32 1.46 -18.48
N ARG A 111 3.98 0.50 -19.12
CA ARG A 111 3.54 -0.04 -20.40
C ARG A 111 2.18 -0.66 -20.32
N VAL A 112 2.04 -1.70 -19.49
CA VAL A 112 0.75 -2.42 -19.37
C VAL A 112 -0.39 -1.47 -19.22
N GLU A 113 -0.19 -0.44 -18.43
CA GLU A 113 -1.25 0.43 -18.05
C GLU A 113 -1.82 1.23 -19.21
N LYS A 114 -0.95 1.61 -20.15
CA LYS A 114 -1.36 2.42 -21.31
C LYS A 114 -2.67 1.90 -21.92
N GLU A 115 -2.81 0.58 -21.99
CA GLU A 115 -4.05 -0.09 -22.37
C GLU A 115 -5.31 0.46 -21.66
N VAL A 116 -5.18 0.90 -20.41
CA VAL A 116 -6.36 1.37 -19.66
C VAL A 116 -6.78 2.76 -20.10
N GLY B 1 -5.13 -14.31 -4.39
CA GLY B 1 -5.87 -13.68 -3.26
C GLY B 1 -5.63 -12.27 -3.70
N HIS B 2 -5.18 -11.35 -2.83
CA HIS B 2 -6.08 -10.60 -1.98
C HIS B 2 -6.11 -9.28 -2.77
N MET B 3 -7.22 -8.58 -2.71
CA MET B 3 -7.40 -7.44 -3.59
C MET B 3 -7.71 -6.19 -2.79
N LEU B 4 -8.32 -6.35 -1.61
CA LEU B 4 -8.88 -5.21 -0.93
C LEU B 4 -7.84 -4.43 -0.15
N TYR B 5 -7.86 -3.13 -0.32
CA TYR B 5 -6.99 -2.24 0.50
C TYR B 5 -7.55 -0.86 0.43
N ILE B 6 -8.49 -0.60 1.34
CA ILE B 6 -8.95 0.72 1.64
C ILE B 6 -7.92 1.49 2.50
N ASN B 7 -7.60 2.73 2.10
CA ASN B 7 -6.76 3.65 2.85
C ASN B 7 -6.99 5.03 2.27
N SER B 8 -7.87 5.77 2.93
CA SER B 8 -8.33 7.08 2.51
C SER B 8 -7.22 8.10 2.58
N PHE B 9 -6.36 7.99 3.60
CA PHE B 9 -5.27 8.97 3.72
C PHE B 9 -4.32 8.83 2.54
N LEU B 10 -3.93 7.60 2.28
CA LEU B 10 -3.02 7.30 1.16
C LEU B 10 -3.59 7.80 -0.17
N ASP B 11 -4.86 7.55 -0.43
CA ASP B 11 -5.44 8.00 -1.70
C ASP B 11 -5.51 9.52 -1.78
N ARG B 12 -6.01 10.18 -0.72
CA ARG B 12 -6.10 11.66 -0.75
C ARG B 12 -4.72 12.28 -0.92
N MET B 13 -3.73 11.78 -0.19
CA MET B 13 -2.36 12.27 -0.42
C MET B 13 -2.01 12.18 -1.90
N GLY B 14 -2.23 11.00 -2.50
CA GLY B 14 -1.84 10.73 -3.86
C GLY B 14 -2.54 11.64 -4.85
N GLU B 15 -3.80 11.95 -4.56
CA GLU B 15 -4.59 12.91 -5.34
C GLU B 15 -4.00 14.32 -5.33
N ILE B 16 -3.59 14.79 -4.18
CA ILE B 16 -2.89 16.09 -4.09
C ILE B 16 -1.55 16.11 -4.86
N ILE B 17 -0.69 15.12 -4.62
CA ILE B 17 0.56 14.93 -5.37
C ILE B 17 0.36 14.85 -6.92
N ARG B 18 -0.66 14.13 -7.38
CA ARG B 18 -0.97 14.02 -8.81
C ARG B 18 -1.59 15.27 -9.44
N GLY B 19 -2.13 16.17 -8.62
CA GLY B 19 -2.79 17.37 -9.11
C GLY B 19 -4.27 17.21 -9.35
N GLU B 20 -4.84 16.08 -8.90
CA GLU B 20 -6.28 15.86 -9.03
C GLU B 20 -7.01 16.71 -8.04
N LYS B 21 -6.39 16.96 -6.88
CA LYS B 21 -6.91 17.92 -5.92
C LYS B 21 -5.96 19.10 -5.70
N SER B 22 -6.55 20.24 -5.40
CA SER B 22 -5.77 21.42 -5.07
C SER B 22 -4.82 21.15 -3.89
N VAL B 23 -3.68 21.85 -3.88
CA VAL B 23 -2.76 21.84 -2.74
C VAL B 23 -3.41 22.51 -1.50
N GLU B 24 -4.39 23.38 -1.76
CA GLU B 24 -5.27 23.96 -0.74
C GLU B 24 -5.81 22.88 0.22
N GLU B 25 -5.87 21.63 -0.28
CA GLU B 25 -6.51 20.53 0.47
C GLU B 25 -5.56 19.78 1.41
N ALA B 26 -4.26 20.03 1.26
CA ALA B 26 -3.26 19.43 2.09
C ALA B 26 -3.44 19.83 3.56
N ASP B 27 -3.68 21.10 3.81
CA ASP B 27 -3.89 21.61 5.17
C ASP B 27 -4.99 20.83 5.93
N LYS B 28 -6.10 20.53 5.29
CA LYS B 28 -7.14 19.75 5.96
C LYS B 28 -6.73 18.28 6.13
N LEU B 29 -6.10 17.73 5.09
CA LEU B 29 -5.66 16.36 5.15
C LEU B 29 -4.66 16.11 6.32
N LEU B 30 -3.83 17.11 6.62
CA LEU B 30 -2.70 16.97 7.54
C LEU B 30 -2.98 17.44 8.96
N ASP B 31 -4.24 17.72 9.24
CA ASP B 31 -4.76 17.90 10.59
C ASP B 31 -4.82 16.52 11.26
N GLN B 32 -3.99 16.30 12.29
CA GLN B 32 -3.90 14.97 12.92
C GLN B 32 -5.19 14.46 13.51
N LYS B 33 -6.06 15.35 13.96
CA LYS B 33 -7.41 14.92 14.34
C LYS B 33 -8.15 14.35 13.14
N ASN B 34 -8.07 15.01 11.99
CA ASN B 34 -8.81 14.49 10.80
C ASN B 34 -8.21 13.14 10.37
N ILE B 35 -6.89 13.04 10.49
CA ILE B 35 -6.17 11.80 10.15
C ILE B 35 -6.72 10.65 10.98
N PHE B 36 -6.70 10.80 12.30
CA PHE B 36 -7.25 9.74 13.16
C PHE B 36 -8.69 9.40 12.75
N GLU B 37 -9.56 10.40 12.59
CA GLU B 37 -10.94 10.10 12.17
C GLU B 37 -11.06 9.39 10.82
N MET B 38 -10.17 9.72 9.88
CA MET B 38 -10.11 9.07 8.56
C MET B 38 -9.82 7.58 8.69
N PHE B 39 -8.76 7.21 9.45
CA PHE B 39 -8.51 5.79 9.70
C PHE B 39 -9.64 5.12 10.47
N ARG B 40 -10.24 5.81 11.45
CA ARG B 40 -11.44 5.22 12.11
C ARG B 40 -12.55 4.95 11.08
N SER B 41 -12.82 5.92 10.19
CA SER B 41 -13.85 5.69 9.18
C SER B 41 -13.52 4.57 8.22
N ASP B 42 -12.21 4.44 7.87
CA ASP B 42 -11.75 3.34 7.05
C ASP B 42 -12.00 1.99 7.70
N CYS B 43 -11.65 1.85 8.98
CA CYS B 43 -11.90 0.57 9.68
C CYS B 43 -13.37 0.18 9.58
N GLU B 44 -14.23 1.18 9.80
CA GLU B 44 -15.69 0.95 9.72
C GLU B 44 -16.09 0.55 8.33
N GLU B 45 -15.61 1.23 7.28
CA GLU B 45 -15.95 0.80 5.90
C GLU B 45 -15.53 -0.65 5.66
N ILE B 46 -14.29 -0.96 6.09
CA ILE B 46 -13.73 -2.30 5.92
C ILE B 46 -14.57 -3.34 6.69
N LEU B 47 -14.82 -3.03 7.94
CA LEU B 47 -15.70 -3.90 8.73
C LEU B 47 -17.04 -4.14 8.04
N ASN B 48 -17.64 -3.08 7.47
CA ASN B 48 -18.93 -3.23 6.74
C ASN B 48 -18.94 -4.04 5.44
N LEU B 49 -17.82 -4.03 4.69
CA LEU B 49 -17.64 -4.94 3.57
C LEU B 49 -17.68 -6.41 4.02
N TYR B 50 -17.10 -6.66 5.19
CA TYR B 50 -17.11 -8.02 5.71
C TYR B 50 -18.59 -8.29 6.08
N LYS B 51 -19.14 -7.40 6.90
CA LYS B 51 -20.46 -7.61 7.50
C LYS B 51 -21.62 -7.64 6.48
N SER B 52 -21.38 -7.15 5.26
CA SER B 52 -22.36 -7.18 4.17
C SER B 52 -22.00 -8.26 3.15
N GLY B 53 -20.99 -9.05 3.46
CA GLY B 53 -20.63 -10.19 2.63
C GLY B 53 -19.93 -9.83 1.32
N LYS B 54 -19.45 -8.60 1.20
CA LYS B 54 -18.74 -8.22 -0.03
C LYS B 54 -17.28 -8.62 0.05
N ALA B 55 -16.74 -8.78 1.24
CA ALA B 55 -15.38 -9.27 1.38
C ALA B 55 -15.33 -10.34 2.45
N GLU B 56 -14.57 -11.39 2.14
CA GLU B 56 -14.32 -12.50 3.05
C GLU B 56 -13.40 -12.07 4.18
N LYS B 57 -13.35 -12.87 5.24
CA LYS B 57 -12.61 -12.46 6.44
C LYS B 57 -11.12 -12.30 6.17
N GLU B 58 -10.61 -13.10 5.24
CA GLU B 58 -9.17 -13.08 4.93
C GLU B 58 -8.80 -11.86 4.05
N GLU B 59 -9.75 -11.36 3.25
CA GLU B 59 -9.54 -10.10 2.53
C GLU B 59 -9.54 -8.96 3.51
N VAL B 60 -10.49 -8.91 4.44
CA VAL B 60 -10.46 -7.78 5.34
C VAL B 60 -9.30 -7.86 6.31
N GLN B 61 -8.87 -9.08 6.67
CA GLN B 61 -7.65 -9.29 7.49
C GLN B 61 -6.39 -8.76 6.81
N ARG B 62 -6.27 -9.03 5.52
CA ARG B 62 -5.21 -8.43 4.70
C ARG B 62 -5.29 -6.90 4.72
N ASN B 63 -6.46 -6.31 4.46
CA ASN B 63 -6.58 -4.85 4.53
C ASN B 63 -6.16 -4.25 5.90
N PHE B 64 -6.55 -4.90 6.97
CA PHE B 64 -6.23 -4.37 8.30
C PHE B 64 -4.74 -4.52 8.55
N TYR B 65 -4.13 -5.63 8.12
CA TYR B 65 -2.66 -5.79 8.24
C TYR B 65 -1.91 -4.70 7.48
N LEU B 66 -2.29 -4.46 6.25
CA LEU B 66 -1.64 -3.41 5.48
C LEU B 66 -1.91 -2.04 6.09
N LEU B 67 -3.10 -1.82 6.61
CA LEU B 67 -3.47 -0.52 7.12
C LEU B 67 -2.71 -0.25 8.43
N LYS B 68 -2.66 -1.26 9.28
CA LYS B 68 -1.86 -1.19 10.53
C LYS B 68 -0.39 -0.96 10.23
N THR B 69 0.20 -1.81 9.39
CA THR B 69 1.59 -1.56 8.93
C THR B 69 1.83 -0.23 8.20
N TYR B 70 0.83 0.27 7.45
CA TYR B 70 0.93 1.61 6.86
C TYR B 70 1.04 2.63 7.96
N VAL B 71 0.19 2.52 8.99
CA VAL B 71 0.21 3.56 10.01
C VAL B 71 1.57 3.52 10.78
N VAL B 72 1.95 2.34 11.23
CA VAL B 72 3.19 2.29 12.01
C VAL B 72 4.46 2.71 11.25
N SER B 73 4.52 2.47 9.92
CA SER B 73 5.75 2.52 9.13
C SER B 73 5.78 3.50 7.95
N GLN B 74 4.63 3.97 7.46
CA GLN B 74 4.61 4.86 6.30
C GLN B 74 3.91 6.17 6.56
N LEU B 75 2.96 6.20 7.49
CA LEU B 75 2.16 7.43 7.68
C LEU B 75 3.03 8.68 7.99
N SER B 76 4.02 8.59 8.89
CA SER B 76 4.91 9.78 9.11
C SER B 76 5.66 10.24 7.88
N ILE B 77 6.08 9.31 7.04
CA ILE B 77 6.81 9.64 5.81
C ILE B 77 5.94 10.37 4.80
N HIS B 78 4.73 9.85 4.63
CA HIS B 78 3.80 10.45 3.73
C HIS B 78 3.31 11.78 4.24
N PHE B 79 3.19 11.92 5.55
CA PHE B 79 2.88 13.23 6.15
C PHE B 79 3.92 14.28 5.72
N GLU B 80 5.19 13.93 5.87
CA GLU B 80 6.31 14.81 5.57
C GLU B 80 6.49 15.05 4.09
N ARG B 81 6.40 13.99 3.29
CA ARG B 81 6.26 14.13 1.85
C ARG B 81 5.27 15.24 1.45
N LEU B 82 4.10 15.24 2.07
CA LEU B 82 3.01 16.08 1.62
C LEU B 82 3.19 17.54 2.01
N LYS B 83 3.71 17.76 3.22
CA LYS B 83 4.29 19.03 3.68
C LYS B 83 5.33 19.56 2.70
N GLU B 84 6.27 18.70 2.35
CA GLU B 84 7.36 19.05 1.46
C GLU B 84 6.81 19.36 0.09
N PHE B 85 5.76 18.62 -0.31
CA PHE B 85 5.06 18.90 -1.57
C PHE B 85 4.31 20.23 -1.55
N ALA B 86 3.52 20.46 -0.50
CA ALA B 86 2.76 21.71 -0.39
C ALA B 86 3.66 22.94 -0.26
N GLU B 87 4.82 22.78 0.37
CA GLU B 87 5.77 23.88 0.53
C GLU B 87 6.37 24.31 -0.80
N SER B 88 7.03 23.38 -1.51
CA SER B 88 7.60 23.68 -2.84
C SER B 88 6.55 24.44 -3.62
N LYS B 89 5.37 23.84 -3.72
CA LYS B 89 4.27 24.43 -4.47
C LYS B 89 3.78 25.79 -3.96
N GLY B 90 4.23 26.21 -2.77
CA GLY B 90 3.92 27.57 -2.28
C GLY B 90 2.85 27.75 -1.21
N PHE B 91 2.42 26.64 -0.61
CA PHE B 91 1.37 26.60 0.41
C PHE B 91 1.96 25.87 1.63
N LYS B 92 3.01 26.45 2.21
CA LYS B 92 3.68 25.83 3.35
C LYS B 92 2.68 25.53 4.48
N ILE B 93 2.81 24.35 5.07
CA ILE B 93 1.88 23.88 6.09
C ILE B 93 2.50 23.97 7.49
N GLU B 94 1.73 24.49 8.44
CA GLU B 94 2.25 24.72 9.79
C GLU B 94 1.52 23.74 10.69
N LYS B 95 1.63 22.45 10.33
CA LYS B 95 1.04 21.33 11.09
C LYS B 95 2.14 20.28 11.25
N LYS B 96 2.04 19.49 12.32
CA LYS B 96 2.89 18.32 12.55
C LYS B 96 2.09 17.14 13.14
N LEU B 97 2.69 15.95 13.13
CA LEU B 97 1.99 14.73 13.51
C LEU B 97 2.66 14.16 14.75
N ASP B 98 1.95 14.15 15.86
CA ASP B 98 2.50 13.60 17.12
C ASP B 98 2.81 12.09 17.01
N PRO B 99 4.06 11.67 17.33
CA PRO B 99 4.34 10.24 17.49
C PRO B 99 3.30 9.48 18.31
N GLU B 100 2.80 10.12 19.37
CA GLU B 100 1.76 9.49 20.19
C GLU B 100 0.50 9.25 19.38
N VAL B 101 0.20 10.14 18.42
CA VAL B 101 -1.06 9.98 17.65
C VAL B 101 -0.91 8.78 16.68
N ILE B 102 0.22 8.70 15.99
CA ILE B 102 0.58 7.51 15.21
C ILE B 102 0.36 6.24 16.02
N ASN B 103 0.95 6.18 17.22
CA ASN B 103 0.75 5.01 18.11
C ASN B 103 -0.71 4.74 18.39
N GLU B 104 -1.50 5.78 18.69
CA GLU B 104 -2.90 5.54 19.06
C GLU B 104 -3.74 5.06 17.87
N ILE B 105 -3.43 5.53 16.66
CA ILE B 105 -4.14 5.06 15.43
C ILE B 105 -3.85 3.55 15.21
N ALA B 106 -2.57 3.18 15.29
CA ALA B 106 -2.15 1.75 15.11
C ALA B 106 -2.87 0.90 16.11
N LEU B 107 -2.83 1.36 17.35
CA LEU B 107 -3.45 0.66 18.45
C LEU B 107 -4.96 0.55 18.25
N TYR B 108 -5.59 1.63 17.78
CA TYR B 108 -7.03 1.58 17.42
C TYR B 108 -7.35 0.52 16.35
N ILE B 109 -6.51 0.44 15.31
CA ILE B 109 -6.72 -0.56 14.23
C ILE B 109 -6.55 -1.97 14.83
N ASP B 110 -5.52 -2.06 15.68
CA ASP B 110 -5.20 -3.28 16.36
C ASP B 110 -6.44 -3.76 17.10
N ARG B 111 -7.16 -2.81 17.71
CA ARG B 111 -8.41 -3.01 18.43
C ARG B 111 -9.55 -3.54 17.53
N VAL B 112 -9.87 -2.84 16.43
CA VAL B 112 -10.98 -3.30 15.55
C VAL B 112 -10.66 -4.56 14.71
N GLU B 113 -9.37 -4.75 14.46
CA GLU B 113 -8.86 -5.94 13.77
C GLU B 113 -9.44 -7.19 14.46
N LYS B 114 -9.34 -7.26 15.80
CA LYS B 114 -10.05 -8.29 16.60
C LYS B 114 -11.54 -8.18 16.23
N GLU B 115 -12.11 -9.22 15.64
CA GLU B 115 -13.09 -9.00 14.57
C GLU B 115 -14.50 -8.58 14.88
N VAL B 116 -15.42 -9.06 14.02
CA VAL B 116 -16.78 -8.50 13.80
C VAL B 116 -17.22 -7.36 14.75
#